data_1K2E
#
_entry.id   1K2E
#
_cell.length_a   52.712
_cell.length_b   72.612
_cell.length_c   85.175
_cell.angle_alpha   90.00
_cell.angle_beta   90.00
_cell.angle_gamma   90.00
#
_symmetry.space_group_name_H-M   'P 21 21 21'
#
loop_
_entity.id
_entity.type
_entity.pdbx_description
1 polymer 'NUDIX HOMOLOG'
2 non-polymer 'SULFATE ION'
3 non-polymer 'NICKEL (II) ION'
4 non-polymer GLYCEROL
5 non-polymer 'ACETIC ACID'
6 water water
#
_entity_poly.entity_id   1
_entity_poly.type   'polypeptide(L)'
_entity_poly.pdbx_seq_one_letter_code
;MIVTSGVLVENGKVLLVKHKRLGVYIYPGGHVEHNETPIEAVKREFEEETGIVVEPIGFTYGIIDENAVERPMPLVILEE
VVKYPEETHIHFDLIYLVKRVGGDLKNGEWIDVREIDRIETFPNVRKVVSLALSTLYRLGKISKLAAALEHHHHHH
;
_entity_poly.pdbx_strand_id   A,B
#
loop_
_chem_comp.id
_chem_comp.type
_chem_comp.name
_chem_comp.formula
ACY non-polymer 'ACETIC ACID' 'C2 H4 O2'
GOL non-polymer GLYCEROL 'C3 H8 O3'
NI non-polymer 'NICKEL (II) ION' 'Ni 2'
SO4 non-polymer 'SULFATE ION' 'O4 S -2'
#
# COMPACT_ATOMS: atom_id res chain seq x y z
N MET A 1 12.17 -8.58 1.82
CA MET A 1 11.99 -7.54 2.86
C MET A 1 11.18 -6.37 2.26
N ILE A 2 10.54 -5.59 3.11
CA ILE A 2 9.75 -4.47 2.64
C ILE A 2 10.66 -3.26 2.44
N VAL A 3 10.54 -2.62 1.29
CA VAL A 3 11.34 -1.43 1.04
C VAL A 3 10.40 -0.37 0.49
N THR A 4 10.90 0.83 0.34
CA THR A 4 10.05 1.88 -0.20
C THR A 4 10.91 2.81 -1.05
N SER A 5 10.28 3.48 -2.01
CA SER A 5 10.96 4.39 -2.93
C SER A 5 10.11 5.64 -3.14
N GLY A 6 10.73 6.74 -3.57
CA GLY A 6 9.95 7.94 -3.82
C GLY A 6 10.24 8.47 -5.22
N VAL A 7 9.18 8.80 -5.94
CA VAL A 7 9.30 9.29 -7.31
C VAL A 7 8.99 10.79 -7.31
N LEU A 8 10.00 11.60 -7.61
CA LEU A 8 9.87 13.07 -7.60
C LEU A 8 10.14 13.57 -9.00
N VAL A 9 9.14 14.16 -9.63
CA VAL A 9 9.28 14.66 -10.98
C VAL A 9 8.94 16.15 -10.95
N GLU A 10 9.86 16.96 -11.45
CA GLU A 10 9.65 18.42 -11.52
C GLU A 10 10.15 18.92 -12.87
N ASN A 11 9.32 19.71 -13.56
CA ASN A 11 9.72 20.29 -14.86
C ASN A 11 10.31 19.25 -15.82
N GLY A 12 9.61 18.13 -15.98
CA GLY A 12 10.05 17.10 -16.89
C GLY A 12 11.31 16.34 -16.51
N LYS A 13 11.75 16.45 -15.26
CA LYS A 13 12.95 15.72 -14.86
C LYS A 13 12.62 14.89 -13.63
N VAL A 14 13.24 13.73 -13.50
CA VAL A 14 12.98 12.88 -12.34
C VAL A 14 14.28 12.79 -11.55
N LEU A 15 14.19 12.86 -10.22
CA LEU A 15 15.40 12.81 -9.41
C LEU A 15 15.81 11.38 -9.13
N LEU A 16 16.94 10.95 -9.69
CA LEU A 16 17.41 9.59 -9.46
C LEU A 16 18.78 9.63 -8.81
N VAL A 17 19.12 8.52 -8.14
CA VAL A 17 20.42 8.40 -7.49
C VAL A 17 21.06 7.13 -7.98
N LYS A 18 22.37 7.02 -7.85
CA LYS A 18 23.02 5.78 -8.25
C LYS A 18 22.75 4.71 -7.18
N HIS A 19 22.33 3.53 -7.62
CA HIS A 19 22.05 2.42 -6.70
C HIS A 19 23.34 2.16 -5.93
N LYS A 20 23.22 2.04 -4.60
CA LYS A 20 24.38 1.88 -3.73
C LYS A 20 25.30 0.72 -4.08
N ARG A 21 24.72 -0.37 -4.56
CA ARG A 21 25.52 -1.53 -4.93
C ARG A 21 25.67 -1.81 -6.42
N LEU A 22 24.64 -1.48 -7.22
CA LEU A 22 24.64 -1.74 -8.66
C LEU A 22 24.99 -0.53 -9.55
N GLY A 23 24.99 0.67 -8.96
CA GLY A 23 25.32 1.90 -9.66
C GLY A 23 24.22 2.44 -10.54
N VAL A 24 23.46 1.53 -11.15
CA VAL A 24 22.39 1.96 -12.05
C VAL A 24 21.47 2.95 -11.38
N TYR A 25 20.87 3.81 -12.20
CA TYR A 25 20.02 4.86 -11.64
C TYR A 25 18.69 4.36 -11.13
N ILE A 26 18.30 4.85 -9.95
CA ILE A 26 17.06 4.38 -9.36
C ILE A 26 16.46 5.51 -8.53
N TYR A 27 15.15 5.41 -8.23
CA TYR A 27 14.54 6.43 -7.40
C TYR A 27 15.08 6.23 -6.02
N PRO A 28 15.19 7.32 -5.23
CA PRO A 28 15.71 7.15 -3.87
C PRO A 28 14.76 6.25 -3.08
N GLY A 29 15.32 5.48 -2.15
CA GLY A 29 14.53 4.60 -1.31
C GLY A 29 15.43 3.65 -0.54
N GLY A 30 14.81 2.69 0.12
CA GLY A 30 15.59 1.73 0.88
C GLY A 30 14.69 0.91 1.77
N HIS A 31 15.31 0.14 2.64
CA HIS A 31 14.58 -0.74 3.54
C HIS A 31 13.76 0.02 4.59
N VAL A 32 12.61 -0.50 4.97
CA VAL A 32 11.82 0.17 6.01
C VAL A 32 12.45 -0.37 7.30
N GLU A 33 12.90 0.52 8.20
CA GLU A 33 13.55 0.07 9.46
C GLU A 33 12.52 -0.58 10.39
N HIS A 34 13.01 -1.30 11.39
CA HIS A 34 12.16 -2.04 12.32
C HIS A 34 10.93 -1.36 12.91
N ASN A 35 11.06 -0.19 13.50
CA ASN A 35 9.83 0.38 13.98
C ASN A 35 9.44 1.66 13.25
N GLU A 36 9.69 1.75 11.94
CA GLU A 36 9.25 2.96 11.25
C GLU A 36 8.21 2.54 10.24
N THR A 37 7.34 3.45 9.87
CA THR A 37 6.31 3.14 8.89
C THR A 37 6.93 3.38 7.51
N PRO A 38 6.34 2.81 6.43
CA PRO A 38 6.89 3.04 5.08
C PRO A 38 6.85 4.55 4.76
N ILE A 39 5.87 5.25 5.31
CA ILE A 39 5.74 6.69 5.10
C ILE A 39 6.96 7.41 5.70
N GLU A 40 7.29 7.07 6.95
CA GLU A 40 8.47 7.69 7.59
C GLU A 40 9.74 7.25 6.84
N ALA A 41 9.77 6.00 6.41
CA ALA A 41 10.96 5.49 5.73
C ALA A 41 11.24 6.19 4.42
N VAL A 42 10.21 6.40 3.61
CA VAL A 42 10.52 7.03 2.32
C VAL A 42 11.01 8.47 2.54
N LYS A 43 10.42 9.18 3.51
CA LYS A 43 10.89 10.57 3.79
C LYS A 43 12.35 10.56 4.22
N ARG A 44 12.65 9.67 5.17
CA ARG A 44 14.02 9.55 5.68
C ARG A 44 15.03 9.19 4.59
N GLU A 45 14.71 8.13 3.85
CA GLU A 45 15.61 7.71 2.77
C GLU A 45 15.83 8.77 1.71
N PHE A 46 14.77 9.46 1.33
CA PHE A 46 14.89 10.45 0.28
C PHE A 46 15.82 11.58 0.73
N GLU A 47 15.61 12.07 1.96
CA GLU A 47 16.46 13.16 2.43
C GLU A 47 17.90 12.73 2.72
N GLU A 48 18.10 11.50 3.19
CA GLU A 48 19.45 11.03 3.44
C GLU A 48 20.19 10.82 2.12
N GLU A 49 19.49 10.35 1.10
CA GLU A 49 20.15 10.08 -0.17
C GLU A 49 20.28 11.25 -1.12
N THR A 50 19.50 12.31 -0.93
CA THR A 50 19.54 13.44 -1.85
C THR A 50 19.63 14.82 -1.22
N GLY A 51 19.28 14.91 0.06
CA GLY A 51 19.24 16.18 0.78
C GLY A 51 17.92 16.90 0.61
N ILE A 52 17.04 16.35 -0.24
CA ILE A 52 15.75 16.97 -0.48
C ILE A 52 14.68 16.39 0.44
N VAL A 53 13.84 17.26 0.99
CA VAL A 53 12.76 16.81 1.89
C VAL A 53 11.48 16.65 1.06
N VAL A 54 10.81 15.52 1.23
CA VAL A 54 9.60 15.27 0.45
C VAL A 54 8.45 14.82 1.31
N GLU A 55 7.27 14.81 0.71
CA GLU A 55 6.06 14.32 1.39
C GLU A 55 5.40 13.35 0.40
N PRO A 56 5.12 12.11 0.83
CA PRO A 56 4.48 11.12 -0.06
C PRO A 56 3.04 11.59 -0.31
N ILE A 57 2.56 11.49 -1.55
CA ILE A 57 1.17 11.86 -1.84
C ILE A 57 0.56 10.59 -2.38
N GLY A 58 -0.70 10.61 -2.79
CA GLY A 58 -1.29 9.37 -3.26
C GLY A 58 -2.75 9.37 -2.90
N PHE A 59 -3.53 8.50 -3.52
CA PHE A 59 -4.96 8.47 -3.26
C PHE A 59 -5.28 8.15 -1.81
N THR A 60 -6.30 8.80 -1.26
CA THR A 60 -6.77 8.46 0.05
C THR A 60 -8.27 8.69 0.06
N TYR A 61 -9.00 7.87 0.83
CA TYR A 61 -10.43 8.06 0.99
C TYR A 61 -10.63 9.20 2.01
N GLY A 62 -9.58 9.57 2.74
CA GLY A 62 -9.73 10.64 3.72
C GLY A 62 -10.14 10.19 5.12
N ILE A 63 -10.00 8.90 5.44
CA ILE A 63 -10.40 8.43 6.78
C ILE A 63 -9.42 8.95 7.82
N ILE A 64 -9.95 9.58 8.86
CA ILE A 64 -9.14 10.07 9.94
C ILE A 64 -10.02 10.30 11.18
N ASP A 65 -9.59 9.68 12.27
CA ASP A 65 -10.28 9.86 13.53
C ASP A 65 -9.39 9.44 14.67
N GLU A 66 -9.97 9.28 15.85
CA GLU A 66 -9.23 8.96 17.06
C GLU A 66 -8.65 7.57 17.09
N ASN A 67 -9.16 6.72 16.20
CA ASN A 67 -8.73 5.34 16.16
C ASN A 67 -7.77 5.00 15.03
N ALA A 68 -7.77 5.82 13.97
CA ALA A 68 -6.87 5.51 12.86
C ALA A 68 -6.76 6.65 11.88
N VAL A 69 -5.63 6.71 11.20
CA VAL A 69 -5.48 7.75 10.18
C VAL A 69 -5.06 7.05 8.87
N GLU A 70 -5.78 7.32 7.80
CA GLU A 70 -5.44 6.67 6.52
C GLU A 70 -4.13 7.24 5.96
N ARG A 71 -3.30 6.40 5.32
CA ARG A 71 -2.08 6.91 4.66
C ARG A 71 -2.25 6.75 3.16
N PRO A 72 -1.56 7.60 2.38
CA PRO A 72 -1.71 7.50 0.94
C PRO A 72 -1.26 6.25 0.26
N MET A 73 -2.00 5.91 -0.78
CA MET A 73 -1.68 4.72 -1.56
C MET A 73 -0.40 4.94 -2.37
N PRO A 74 0.46 3.91 -2.44
CA PRO A 74 1.68 4.04 -3.24
C PRO A 74 1.23 4.19 -4.70
N LEU A 75 2.12 4.72 -5.52
CA LEU A 75 1.88 4.85 -6.96
C LEU A 75 1.78 3.41 -7.56
N VAL A 76 2.66 2.53 -7.12
CA VAL A 76 2.65 1.15 -7.61
C VAL A 76 3.42 0.30 -6.61
N ILE A 77 3.13 -1.00 -6.54
CA ILE A 77 3.87 -1.86 -5.62
C ILE A 77 4.53 -2.94 -6.46
N LEU A 78 5.86 -2.97 -6.45
CA LEU A 78 6.55 -3.99 -7.24
C LEU A 78 7.32 -4.94 -6.34
N GLU A 79 7.21 -6.24 -6.60
CA GLU A 79 7.94 -7.24 -5.85
C GLU A 79 9.11 -7.57 -6.76
N GLU A 80 10.27 -6.98 -6.41
CA GLU A 80 11.51 -7.04 -7.16
C GLU A 80 12.44 -8.15 -6.73
N VAL A 81 13.10 -8.76 -7.71
CA VAL A 81 14.08 -9.80 -7.44
C VAL A 81 15.40 -9.18 -7.88
N VAL A 82 16.33 -9.10 -6.95
CA VAL A 82 17.65 -8.53 -7.22
C VAL A 82 18.65 -9.66 -7.03
N LYS A 83 19.23 -10.11 -8.12
CA LYS A 83 20.16 -11.19 -8.00
C LYS A 83 21.59 -10.69 -7.90
N TYR A 84 22.31 -11.26 -6.94
CA TYR A 84 23.73 -11.00 -6.79
C TYR A 84 24.35 -12.40 -6.79
N PRO A 85 25.61 -12.52 -7.24
CA PRO A 85 26.21 -13.87 -7.22
C PRO A 85 26.14 -14.50 -5.82
N GLU A 86 26.27 -13.67 -4.80
CA GLU A 86 26.27 -14.12 -3.42
C GLU A 86 24.92 -14.52 -2.87
N GLU A 87 23.87 -13.83 -3.31
CA GLU A 87 22.55 -14.09 -2.75
C GLU A 87 21.50 -13.32 -3.52
N THR A 88 20.28 -13.78 -3.45
CA THR A 88 19.23 -13.09 -4.15
C THR A 88 18.44 -12.34 -3.09
N HIS A 89 17.99 -11.12 -3.41
CA HIS A 89 17.17 -10.37 -2.44
C HIS A 89 15.79 -10.19 -3.05
N ILE A 90 14.77 -10.33 -2.24
CA ILE A 90 13.39 -10.14 -2.64
C ILE A 90 12.98 -8.83 -1.94
N HIS A 91 12.62 -7.81 -2.73
CA HIS A 91 12.18 -6.52 -2.18
C HIS A 91 10.71 -6.24 -2.57
N PHE A 92 9.85 -6.07 -1.57
CA PHE A 92 8.45 -5.77 -1.76
C PHE A 92 8.49 -4.24 -1.64
N ASP A 93 8.55 -3.61 -2.81
CA ASP A 93 8.75 -2.18 -2.94
C ASP A 93 7.49 -1.31 -3.04
N LEU A 94 7.19 -0.57 -1.96
CA LEU A 94 6.04 0.39 -1.95
C LEU A 94 6.63 1.67 -2.53
N ILE A 95 6.33 1.90 -3.80
CA ILE A 95 6.84 3.05 -4.52
C ILE A 95 5.82 4.18 -4.49
N TYR A 96 6.17 5.23 -3.76
CA TYR A 96 5.31 6.40 -3.63
C TYR A 96 5.62 7.54 -4.56
N LEU A 97 4.57 8.20 -5.03
CA LEU A 97 4.75 9.45 -5.77
C LEU A 97 5.01 10.45 -4.60
N VAL A 98 6.00 11.36 -4.73
CA VAL A 98 6.25 12.33 -3.63
C VAL A 98 6.32 13.76 -4.17
N LYS A 99 6.21 14.75 -3.29
CA LYS A 99 6.33 16.16 -3.71
C LYS A 99 7.42 16.76 -2.86
N ARG A 100 8.15 17.72 -3.42
CA ARG A 100 9.23 18.36 -2.70
C ARG A 100 8.65 19.39 -1.72
N VAL A 101 9.16 19.40 -0.47
CA VAL A 101 8.63 20.38 0.51
C VAL A 101 9.75 21.12 1.20
N GLY A 102 10.99 20.84 0.80
CA GLY A 102 12.10 21.57 1.39
C GLY A 102 13.42 20.90 1.08
N GLY A 103 14.48 21.36 1.76
CA GLY A 103 15.77 20.76 1.52
C GLY A 103 16.49 21.31 0.32
N ASP A 104 17.59 20.67 -0.03
CA ASP A 104 18.41 21.15 -1.11
C ASP A 104 19.18 19.96 -1.72
N LEU A 105 19.39 19.97 -3.03
CA LEU A 105 20.09 18.85 -3.67
C LEU A 105 21.55 18.69 -3.26
N LYS A 106 21.86 17.59 -2.58
CA LYS A 106 23.22 17.29 -2.16
C LYS A 106 23.84 16.08 -2.88
N ASN A 107 22.99 15.18 -3.38
CA ASN A 107 23.46 13.99 -4.11
C ASN A 107 22.31 13.57 -5.02
N GLY A 108 22.63 12.94 -6.14
CA GLY A 108 21.58 12.55 -7.08
C GLY A 108 21.62 13.45 -8.32
N GLU A 109 20.86 13.08 -9.33
CA GLU A 109 20.84 13.81 -10.58
C GLU A 109 19.41 13.93 -11.10
N TRP A 110 19.06 15.15 -11.53
CA TRP A 110 17.77 15.37 -12.15
C TRP A 110 17.92 14.86 -13.62
N ILE A 111 17.20 13.80 -13.93
CA ILE A 111 17.23 13.17 -15.24
C ILE A 111 16.07 13.60 -16.12
N ASP A 112 16.40 14.23 -17.24
CA ASP A 112 15.38 14.68 -18.17
C ASP A 112 14.65 13.43 -18.70
N VAL A 113 13.34 13.38 -18.56
CA VAL A 113 12.61 12.17 -19.01
C VAL A 113 12.72 11.89 -20.51
N ARG A 114 13.03 12.90 -21.30
CA ARG A 114 13.18 12.70 -22.73
C ARG A 114 14.49 11.99 -23.05
N GLU A 115 15.39 11.87 -22.07
CA GLU A 115 16.68 11.21 -22.25
C GLU A 115 16.80 9.84 -21.60
N ILE A 116 15.77 9.45 -20.86
CA ILE A 116 15.83 8.25 -20.06
C ILE A 116 15.98 6.94 -20.78
N ASP A 117 15.63 6.92 -22.07
CA ASP A 117 15.82 5.68 -22.84
C ASP A 117 17.26 5.43 -23.23
N ARG A 118 18.14 6.37 -22.93
CA ARG A 118 19.58 6.16 -23.18
C ARG A 118 20.39 6.30 -21.89
N ILE A 119 19.71 6.11 -20.74
CA ILE A 119 20.39 6.16 -19.44
C ILE A 119 20.18 4.80 -18.77
N GLU A 120 21.21 4.25 -18.16
CA GLU A 120 21.07 2.94 -17.54
C GLU A 120 20.41 3.02 -16.18
N THR A 121 19.15 2.59 -16.15
CA THR A 121 18.36 2.61 -14.93
C THR A 121 18.13 1.20 -14.37
N PHE A 122 17.79 1.14 -13.08
CA PHE A 122 17.41 -0.10 -12.43
C PHE A 122 16.14 -0.56 -13.19
N PRO A 123 15.84 -1.87 -13.20
CA PRO A 123 14.65 -2.35 -13.93
C PRO A 123 13.32 -1.68 -13.57
N ASN A 124 12.49 -1.47 -14.59
CA ASN A 124 11.15 -0.88 -14.47
C ASN A 124 11.06 0.58 -14.10
N VAL A 125 12.20 1.23 -13.86
CA VAL A 125 12.16 2.67 -13.53
C VAL A 125 11.45 3.52 -14.61
N ARG A 126 11.67 3.24 -15.90
CA ARG A 126 11.04 4.09 -16.91
C ARG A 126 9.50 3.94 -16.93
N LYS A 127 9.01 2.71 -16.80
CA LYS A 127 7.55 2.46 -16.78
C LYS A 127 6.96 3.18 -15.57
N VAL A 128 7.64 3.07 -14.43
CA VAL A 128 7.15 3.74 -13.21
C VAL A 128 7.14 5.27 -13.37
N VAL A 129 8.17 5.82 -13.99
CA VAL A 129 8.20 7.28 -14.22
C VAL A 129 7.05 7.67 -15.16
N SER A 130 6.78 6.83 -16.15
CA SER A 130 5.69 7.14 -17.03
C SER A 130 4.34 7.13 -16.24
N LEU A 131 4.19 6.21 -15.27
CA LEU A 131 2.96 6.18 -14.46
C LEU A 131 2.89 7.47 -13.65
N ALA A 132 4.04 7.92 -13.11
CA ALA A 132 4.05 9.15 -12.31
C ALA A 132 3.65 10.37 -13.17
N LEU A 133 4.14 10.44 -14.41
CA LEU A 133 3.79 11.59 -15.26
C LEU A 133 2.29 11.67 -15.49
N SER A 134 1.66 10.52 -15.77
CA SER A 134 0.20 10.47 -15.99
C SER A 134 -0.53 10.88 -14.74
N THR A 135 -0.09 10.36 -13.60
CA THR A 135 -0.73 10.71 -12.36
C THR A 135 -0.59 12.20 -12.05
N LEU A 136 0.60 12.74 -12.26
CA LEU A 136 0.87 14.16 -12.00
C LEU A 136 0.03 15.04 -12.93
N TYR A 137 -0.16 14.59 -14.16
CA TYR A 137 -0.99 15.35 -15.10
C TYR A 137 -2.40 15.45 -14.54
N ARG A 138 -2.96 14.32 -14.10
CA ARG A 138 -4.32 14.35 -13.55
C ARG A 138 -4.37 15.16 -12.23
N LEU A 139 -3.33 15.10 -11.40
CA LEU A 139 -3.34 15.88 -10.17
C LEU A 139 -3.36 17.37 -10.50
N GLY A 140 -2.66 17.74 -11.56
CA GLY A 140 -2.62 19.14 -11.98
C GLY A 140 -3.98 19.59 -12.47
N LYS A 141 -4.68 18.72 -13.19
CA LYS A 141 -6.02 19.11 -13.66
C LYS A 141 -6.92 19.35 -12.45
N ILE A 142 -6.78 18.50 -11.44
CA ILE A 142 -7.61 18.69 -10.25
C ILE A 142 -7.24 19.97 -9.49
N SER A 143 -5.95 20.26 -9.41
CA SER A 143 -5.47 21.44 -8.72
C SER A 143 -5.91 22.72 -9.45
N LYS A 144 -5.83 22.72 -10.78
CA LYS A 144 -6.22 23.87 -11.58
C LYS A 144 -7.71 24.13 -11.46
N LEU A 145 -8.48 23.05 -11.35
CA LEU A 145 -9.91 23.15 -11.23
C LEU A 145 -10.27 23.73 -9.86
N ALA A 146 -9.52 23.31 -8.83
CA ALA A 146 -9.75 23.82 -7.48
C ALA A 146 -9.50 25.33 -7.48
N ALA A 147 -8.43 25.76 -8.14
CA ALA A 147 -8.07 27.17 -8.22
C ALA A 147 -9.12 27.97 -9.01
N ALA A 148 -9.63 27.40 -10.08
CA ALA A 148 -10.62 28.09 -10.90
C ALA A 148 -11.90 28.30 -10.13
N LEU A 149 -12.20 27.36 -9.23
CA LEU A 149 -13.41 27.47 -8.42
C LEU A 149 -13.24 28.51 -7.32
N GLU A 150 -12.00 28.77 -6.94
CA GLU A 150 -11.73 29.73 -5.89
C GLU A 150 -12.15 31.12 -6.36
N HIS A 151 -12.39 31.27 -7.66
CA HIS A 151 -12.82 32.54 -8.23
C HIS A 151 -14.32 32.77 -8.06
N HIS A 152 -14.91 32.01 -7.15
CA HIS A 152 -16.34 32.10 -6.85
C HIS A 152 -16.52 32.04 -5.33
N MET B 1 4.56 -1.01 13.84
CA MET B 1 4.76 -2.34 13.21
C MET B 1 3.84 -2.47 12.00
N ILE B 2 4.34 -3.12 10.96
CA ILE B 2 3.54 -3.33 9.74
C ILE B 2 2.72 -4.60 9.90
N VAL B 3 1.42 -4.48 9.64
CA VAL B 3 0.56 -5.64 9.72
C VAL B 3 -0.27 -5.67 8.46
N THR B 4 -1.01 -6.75 8.29
CA THR B 4 -1.86 -6.88 7.10
C THR B 4 -3.15 -7.59 7.50
N SER B 5 -4.20 -7.36 6.70
CA SER B 5 -5.51 -7.94 6.98
C SER B 5 -6.16 -8.33 5.65
N GLY B 6 -7.07 -9.29 5.69
CA GLY B 6 -7.77 -9.69 4.48
C GLY B 6 -9.28 -9.56 4.63
N VAL B 7 -9.91 -8.96 3.62
CA VAL B 7 -11.37 -8.73 3.60
C VAL B 7 -12.01 -9.66 2.58
N LEU B 8 -12.75 -10.65 3.09
CA LEU B 8 -13.40 -11.65 2.22
C LEU B 8 -14.91 -11.49 2.34
N VAL B 9 -15.56 -11.12 1.25
CA VAL B 9 -17.01 -10.92 1.25
C VAL B 9 -17.61 -11.88 0.25
N GLU B 10 -18.58 -12.68 0.69
CA GLU B 10 -19.27 -13.63 -0.18
C GLU B 10 -20.74 -13.60 0.18
N ASN B 11 -21.58 -13.50 -0.85
CA ASN B 11 -23.03 -13.51 -0.66
C ASN B 11 -23.51 -12.52 0.39
N GLY B 12 -22.95 -11.31 0.39
CA GLY B 12 -23.37 -10.32 1.36
C GLY B 12 -22.93 -10.53 2.80
N LYS B 13 -21.96 -11.41 3.04
CA LYS B 13 -21.47 -11.66 4.39
C LYS B 13 -19.96 -11.50 4.38
N VAL B 14 -19.40 -11.11 5.51
CA VAL B 14 -17.93 -10.91 5.55
C VAL B 14 -17.40 -11.82 6.63
N LEU B 15 -16.23 -12.41 6.38
CA LEU B 15 -15.65 -13.33 7.34
C LEU B 15 -14.77 -12.64 8.38
N LEU B 16 -15.19 -12.71 9.64
CA LEU B 16 -14.45 -12.08 10.72
C LEU B 16 -14.04 -13.11 11.78
N VAL B 17 -13.01 -12.78 12.55
CA VAL B 17 -12.54 -13.64 13.63
C VAL B 17 -12.39 -12.81 14.89
N LYS B 18 -12.26 -13.46 16.03
CA LYS B 18 -12.09 -12.71 17.29
C LYS B 18 -10.64 -12.46 17.60
N HIS B 19 -10.31 -11.19 17.85
CA HIS B 19 -8.94 -10.80 18.20
C HIS B 19 -8.66 -11.48 19.56
N LYS B 20 -7.51 -12.15 19.66
CA LYS B 20 -7.17 -12.88 20.87
C LYS B 20 -7.09 -12.02 22.13
N ARG B 21 -6.67 -10.77 22.01
CA ARG B 21 -6.61 -9.99 23.25
C ARG B 21 -7.73 -8.99 23.43
N LEU B 22 -8.15 -8.37 22.35
CA LEU B 22 -9.22 -7.38 22.41
C LEU B 22 -10.59 -8.03 22.49
N GLY B 23 -10.70 -9.25 21.96
CA GLY B 23 -11.96 -9.96 22.00
C GLY B 23 -13.05 -9.42 21.10
N VAL B 24 -12.74 -8.44 20.26
CA VAL B 24 -13.73 -7.87 19.34
C VAL B 24 -13.48 -8.56 17.99
N TYR B 25 -14.45 -8.50 17.08
CA TYR B 25 -14.26 -9.11 15.76
C TYR B 25 -13.37 -8.25 14.88
N ILE B 26 -12.51 -8.90 14.11
CA ILE B 26 -11.57 -8.19 13.23
C ILE B 26 -11.46 -8.97 11.93
N TYR B 27 -10.85 -8.35 10.92
CA TYR B 27 -10.58 -9.06 9.67
C TYR B 27 -9.40 -9.96 10.03
N PRO B 28 -9.33 -11.16 9.45
CA PRO B 28 -8.19 -12.01 9.78
C PRO B 28 -6.94 -11.29 9.27
N GLY B 29 -5.83 -11.50 9.96
CA GLY B 29 -4.60 -10.84 9.58
C GLY B 29 -3.59 -10.93 10.69
N GLY B 30 -2.54 -10.14 10.62
CA GLY B 30 -1.54 -10.17 11.67
C GLY B 30 -0.28 -9.43 11.24
N HIS B 31 0.78 -9.58 12.02
CA HIS B 31 2.04 -8.91 11.70
C HIS B 31 2.72 -9.52 10.50
N VAL B 32 3.42 -8.68 9.74
CA VAL B 32 4.17 -9.15 8.60
C VAL B 32 5.58 -9.45 9.12
N GLU B 33 5.99 -10.72 9.03
CA GLU B 33 7.31 -11.09 9.51
C GLU B 33 8.37 -10.56 8.55
N HIS B 34 9.52 -10.17 9.13
CA HIS B 34 10.63 -9.61 8.38
C HIS B 34 11.07 -10.46 7.19
N ASN B 35 10.80 -11.76 7.24
CA ASN B 35 11.20 -12.66 6.16
C ASN B 35 10.12 -12.96 5.08
N GLU B 36 8.92 -12.38 5.20
CA GLU B 36 7.87 -12.70 4.20
C GLU B 36 7.29 -11.41 3.66
N THR B 37 6.59 -11.47 2.53
CA THR B 37 5.97 -10.29 1.96
C THR B 37 4.57 -10.11 2.57
N PRO B 38 3.98 -8.90 2.46
CA PRO B 38 2.64 -8.69 3.03
C PRO B 38 1.65 -9.66 2.37
N ILE B 39 1.86 -9.93 1.09
CA ILE B 39 0.99 -10.83 0.33
C ILE B 39 1.08 -12.26 0.91
N GLU B 40 2.29 -12.73 1.16
CA GLU B 40 2.44 -14.05 1.77
C GLU B 40 1.90 -14.06 3.22
N ALA B 41 2.06 -12.96 3.95
CA ALA B 41 1.59 -12.93 5.35
C ALA B 41 0.08 -12.94 5.42
N VAL B 42 -0.58 -12.18 4.56
CA VAL B 42 -2.05 -12.20 4.67
C VAL B 42 -2.58 -13.59 4.29
N LYS B 43 -1.97 -14.25 3.30
CA LYS B 43 -2.44 -15.60 2.92
C LYS B 43 -2.25 -16.57 4.10
N ARG B 44 -1.06 -16.55 4.67
CA ARG B 44 -0.71 -17.40 5.82
C ARG B 44 -1.65 -17.16 7.00
N GLU B 45 -1.78 -15.89 7.38
CA GLU B 45 -2.65 -15.52 8.48
C GLU B 45 -4.10 -15.88 8.29
N PHE B 46 -4.62 -15.62 7.08
CA PHE B 46 -6.00 -15.92 6.81
C PHE B 46 -6.25 -17.44 6.94
N GLU B 47 -5.38 -18.25 6.35
CA GLU B 47 -5.55 -19.70 6.46
C GLU B 47 -5.38 -20.22 7.89
N GLU B 48 -4.39 -19.71 8.63
CA GLU B 48 -4.22 -20.18 10.01
C GLU B 48 -5.39 -19.80 10.89
N GLU B 49 -5.93 -18.61 10.69
CA GLU B 49 -7.03 -18.14 11.51
C GLU B 49 -8.44 -18.62 11.12
N THR B 50 -8.66 -19.02 9.87
CA THR B 50 -10.01 -19.45 9.45
C THR B 50 -10.09 -20.81 8.77
N GLY B 51 -8.97 -21.28 8.23
CA GLY B 51 -8.96 -22.53 7.50
C GLY B 51 -9.19 -22.32 6.01
N ILE B 52 -9.58 -21.10 5.63
CA ILE B 52 -9.83 -20.78 4.24
C ILE B 52 -8.58 -20.22 3.56
N VAL B 53 -8.33 -20.70 2.34
CA VAL B 53 -7.19 -20.25 1.54
C VAL B 53 -7.63 -19.14 0.62
N VAL B 54 -6.90 -18.02 0.65
CA VAL B 54 -7.27 -16.88 -0.16
C VAL B 54 -6.15 -16.29 -1.00
N GLU B 55 -6.57 -15.40 -1.90
CA GLU B 55 -5.60 -14.72 -2.75
C GLU B 55 -5.94 -13.25 -2.76
N PRO B 56 -4.96 -12.39 -2.45
CA PRO B 56 -5.25 -10.96 -2.47
C PRO B 56 -5.55 -10.48 -3.90
N ILE B 57 -6.57 -9.65 -4.03
CA ILE B 57 -6.89 -9.08 -5.33
C ILE B 57 -6.84 -7.57 -5.21
N GLY B 58 -7.13 -6.88 -6.30
CA GLY B 58 -7.07 -5.44 -6.27
C GLY B 58 -6.49 -4.90 -7.57
N PHE B 59 -6.41 -3.59 -7.65
CA PHE B 59 -5.93 -2.95 -8.85
C PHE B 59 -4.44 -3.14 -9.15
N THR B 60 -4.15 -3.35 -10.43
CA THR B 60 -2.80 -3.47 -10.87
C THR B 60 -2.65 -2.95 -12.29
N TYR B 61 -1.52 -2.31 -12.60
CA TYR B 61 -1.29 -1.87 -13.98
C TYR B 61 -0.87 -3.12 -14.74
N GLY B 62 -0.50 -4.18 -14.04
CA GLY B 62 -0.12 -5.41 -14.72
C GLY B 62 1.35 -5.48 -15.13
N ILE B 63 2.20 -4.73 -14.47
CA ILE B 63 3.61 -4.77 -14.81
C ILE B 63 4.23 -6.10 -14.37
N ILE B 64 5.01 -6.72 -15.26
CA ILE B 64 5.69 -7.97 -14.94
C ILE B 64 6.82 -8.22 -15.92
N ASP B 65 8.00 -8.56 -15.41
CA ASP B 65 9.14 -8.83 -16.28
C ASP B 65 10.08 -9.73 -15.48
N GLU B 66 11.22 -10.09 -16.07
CA GLU B 66 12.18 -11.00 -15.40
C GLU B 66 12.67 -10.48 -14.07
N ASN B 67 12.48 -9.19 -13.85
CA ASN B 67 13.01 -8.54 -12.66
C ASN B 67 12.04 -8.17 -11.56
N ALA B 68 10.75 -8.16 -11.86
CA ALA B 68 9.79 -7.77 -10.84
C ALA B 68 8.38 -8.15 -11.26
N VAL B 69 7.49 -8.29 -10.29
CA VAL B 69 6.08 -8.53 -10.60
C VAL B 69 5.28 -7.58 -9.73
N GLU B 70 4.34 -6.88 -10.36
CA GLU B 70 3.52 -5.91 -9.63
C GLU B 70 2.55 -6.68 -8.77
N ARG B 71 2.28 -6.17 -7.56
CA ARG B 71 1.34 -6.77 -6.62
C ARG B 71 0.12 -5.85 -6.50
N PRO B 72 -1.06 -6.43 -6.25
CA PRO B 72 -2.26 -5.60 -6.15
C PRO B 72 -2.26 -4.58 -5.04
N MET B 73 -2.91 -3.44 -5.33
CA MET B 73 -2.99 -2.38 -4.33
C MET B 73 -3.89 -2.80 -3.17
N PRO B 74 -3.51 -2.44 -1.93
CA PRO B 74 -4.37 -2.79 -0.81
C PRO B 74 -5.71 -2.04 -1.05
N LEU B 75 -6.77 -2.49 -0.39
CA LEU B 75 -8.05 -1.80 -0.46
C LEU B 75 -7.87 -0.44 0.25
N VAL B 76 -7.15 -0.44 1.37
CA VAL B 76 -6.91 0.79 2.10
C VAL B 76 -5.73 0.59 3.03
N ILE B 77 -5.04 1.67 3.40
CA ILE B 77 -3.91 1.54 4.32
C ILE B 77 -4.22 2.42 5.51
N LEU B 78 -4.40 1.79 6.67
CA LEU B 78 -4.75 2.51 7.89
C LEU B 78 -3.68 2.36 8.97
N GLU B 79 -3.32 3.47 9.60
CA GLU B 79 -2.34 3.48 10.69
C GLU B 79 -3.29 3.52 11.88
N GLU B 80 -3.42 2.37 12.53
CA GLU B 80 -4.38 2.15 13.62
C GLU B 80 -3.76 2.11 14.99
N VAL B 81 -4.48 2.66 15.97
CA VAL B 81 -4.02 2.65 17.35
C VAL B 81 -4.56 1.38 18.07
N VAL B 82 -3.71 0.65 18.80
CA VAL B 82 -4.17 -0.48 19.60
C VAL B 82 -3.61 -0.17 20.99
N LYS B 83 -4.49 0.03 21.97
CA LYS B 83 -4.03 0.38 23.31
C LYS B 83 -4.16 -0.74 24.32
N TYR B 84 -3.01 -1.21 24.79
CA TYR B 84 -2.97 -2.26 25.80
C TYR B 84 -2.55 -1.53 27.07
N PRO B 85 -2.89 -2.08 28.23
CA PRO B 85 -2.46 -1.33 29.42
C PRO B 85 -0.96 -1.07 29.46
N GLU B 86 -0.16 -2.01 28.94
CA GLU B 86 1.29 -1.88 29.02
C GLU B 86 1.94 -0.98 27.96
N GLU B 87 1.22 -0.76 26.86
CA GLU B 87 1.79 0.03 25.80
C GLU B 87 0.77 0.31 24.72
N THR B 88 0.91 1.46 24.05
CA THR B 88 0.02 1.78 22.94
C THR B 88 0.84 1.48 21.70
N HIS B 89 0.24 0.67 20.85
CA HIS B 89 0.88 0.21 19.61
C HIS B 89 0.28 0.96 18.44
N ILE B 90 1.06 1.12 17.37
CA ILE B 90 0.50 1.80 16.20
C ILE B 90 0.73 0.78 15.10
N HIS B 91 -0.33 0.31 14.46
CA HIS B 91 -0.19 -0.68 13.40
C HIS B 91 -0.39 -0.04 12.03
N PHE B 92 0.58 -0.23 11.14
CA PHE B 92 0.47 0.31 9.77
C PHE B 92 -0.11 -0.88 9.04
N ASP B 93 -1.43 -0.84 8.84
CA ASP B 93 -2.20 -1.98 8.32
C ASP B 93 -2.48 -1.92 6.82
N LEU B 94 -1.87 -2.84 6.09
CA LEU B 94 -2.11 -2.96 4.64
C LEU B 94 -3.34 -3.88 4.55
N ILE B 95 -4.51 -3.29 4.30
CA ILE B 95 -5.74 -4.08 4.26
C ILE B 95 -6.03 -4.49 2.81
N TYR B 96 -6.02 -5.78 2.56
CA TYR B 96 -6.27 -6.31 1.22
C TYR B 96 -7.66 -6.88 1.03
N LEU B 97 -8.24 -6.65 -0.15
CA LEU B 97 -9.46 -7.32 -0.55
C LEU B 97 -8.91 -8.72 -0.99
N VAL B 98 -9.58 -9.80 -0.60
CA VAL B 98 -9.10 -11.14 -1.02
C VAL B 98 -10.23 -11.96 -1.59
N LYS B 99 -9.90 -13.05 -2.29
CA LYS B 99 -10.92 -13.94 -2.83
C LYS B 99 -10.57 -15.34 -2.35
N ARG B 100 -11.58 -16.18 -2.21
CA ARG B 100 -11.38 -17.57 -1.76
C ARG B 100 -10.80 -18.38 -2.89
N VAL B 101 -9.84 -19.24 -2.59
CA VAL B 101 -9.33 -20.11 -3.65
C VAL B 101 -9.27 -21.55 -3.18
N GLY B 102 -9.56 -21.79 -1.92
CA GLY B 102 -9.51 -23.15 -1.39
C GLY B 102 -9.72 -23.20 0.11
N GLY B 103 -9.48 -24.36 0.70
CA GLY B 103 -9.65 -24.49 2.14
C GLY B 103 -11.08 -24.70 2.56
N ASP B 104 -11.34 -24.60 3.86
CA ASP B 104 -12.69 -24.85 4.38
C ASP B 104 -12.73 -24.20 5.75
N LEU B 105 -13.86 -23.59 6.09
CA LEU B 105 -14.01 -22.89 7.36
C LEU B 105 -13.84 -23.76 8.61
N LYS B 106 -12.89 -23.34 9.46
CA LYS B 106 -12.55 -24.00 10.71
C LYS B 106 -12.72 -23.06 11.91
N ASN B 107 -12.64 -21.75 11.68
CA ASN B 107 -12.82 -20.79 12.76
C ASN B 107 -13.22 -19.47 12.15
N GLY B 108 -13.97 -18.67 12.90
CA GLY B 108 -14.44 -17.41 12.36
C GLY B 108 -15.93 -17.48 12.08
N GLU B 109 -16.51 -16.33 11.77
CA GLU B 109 -17.94 -16.25 11.52
C GLU B 109 -18.29 -15.38 10.34
N TRP B 110 -19.24 -15.85 9.52
CA TRP B 110 -19.67 -15.06 8.39
C TRP B 110 -20.74 -14.09 8.92
N ILE B 111 -20.41 -12.80 8.86
CA ILE B 111 -21.29 -11.77 9.36
C ILE B 111 -21.99 -10.99 8.22
N ASP B 112 -23.33 -10.89 8.27
CA ASP B 112 -24.07 -10.12 7.29
C ASP B 112 -23.57 -8.67 7.31
N VAL B 113 -23.21 -8.12 6.14
CA VAL B 113 -22.65 -6.77 6.10
C VAL B 113 -23.63 -5.69 6.53
N ARG B 114 -24.93 -5.97 6.49
CA ARG B 114 -25.91 -4.97 6.87
C ARG B 114 -26.18 -5.15 8.35
N GLU B 115 -25.52 -6.11 8.97
CA GLU B 115 -25.70 -6.36 10.40
C GLU B 115 -24.43 -6.21 11.23
N ILE B 116 -23.40 -5.55 10.68
CA ILE B 116 -22.14 -5.36 11.41
C ILE B 116 -22.30 -4.53 12.69
N ASP B 117 -23.36 -3.75 12.77
CA ASP B 117 -23.57 -2.94 13.95
C ASP B 117 -24.02 -3.79 15.13
N ARG B 118 -24.49 -5.00 14.85
CA ARG B 118 -24.99 -5.87 15.90
C ARG B 118 -23.92 -6.57 16.71
N ILE B 119 -22.68 -6.52 16.25
CA ILE B 119 -21.61 -7.18 16.98
C ILE B 119 -20.52 -6.20 17.35
N GLU B 120 -19.66 -6.60 18.28
CA GLU B 120 -18.60 -5.74 18.77
C GLU B 120 -17.42 -5.92 17.80
N THR B 121 -17.03 -4.84 17.15
CA THR B 121 -15.96 -4.91 16.17
C THR B 121 -14.84 -3.93 16.39
N PHE B 122 -13.67 -4.31 15.89
CA PHE B 122 -12.53 -3.41 15.96
C PHE B 122 -12.96 -2.15 15.20
N PRO B 123 -12.44 -0.97 15.56
CA PRO B 123 -12.84 0.26 14.87
C PRO B 123 -12.63 0.26 13.36
N ASN B 124 -13.56 0.86 12.63
CA ASN B 124 -13.45 0.96 11.16
C ASN B 124 -13.66 -0.39 10.40
N VAL B 125 -14.00 -1.47 11.11
CA VAL B 125 -14.33 -2.72 10.40
C VAL B 125 -15.52 -2.32 9.48
N ARG B 126 -16.49 -1.58 10.01
CA ARG B 126 -17.63 -1.20 9.16
C ARG B 126 -17.21 -0.30 7.98
N LYS B 127 -16.46 0.75 8.25
CA LYS B 127 -16.02 1.63 7.15
C LYS B 127 -15.26 0.85 6.07
N VAL B 128 -14.44 -0.09 6.50
CA VAL B 128 -13.68 -0.87 5.55
C VAL B 128 -14.56 -1.81 4.76
N VAL B 129 -15.58 -2.40 5.37
CA VAL B 129 -16.41 -3.30 4.57
C VAL B 129 -17.15 -2.49 3.50
N SER B 130 -17.50 -1.25 3.83
CA SER B 130 -18.15 -0.41 2.84
C SER B 130 -17.21 -0.19 1.64
N LEU B 131 -15.92 0.04 1.91
CA LEU B 131 -14.98 0.23 0.81
C LEU B 131 -14.84 -1.04 0.00
N ALA B 132 -14.86 -2.16 0.67
CA ALA B 132 -14.75 -3.45 0.00
C ALA B 132 -15.94 -3.67 -0.92
N LEU B 133 -17.12 -3.37 -0.41
CA LEU B 133 -18.34 -3.56 -1.20
C LEU B 133 -18.31 -2.66 -2.42
N SER B 134 -17.91 -1.42 -2.22
CA SER B 134 -17.85 -0.49 -3.36
C SER B 134 -16.86 -0.94 -4.43
N THR B 135 -15.73 -1.49 -3.98
CA THR B 135 -14.68 -1.99 -4.88
C THR B 135 -15.15 -3.24 -5.64
N LEU B 136 -15.87 -4.13 -4.97
CA LEU B 136 -16.39 -5.35 -5.62
C LEU B 136 -17.43 -4.92 -6.66
N TYR B 137 -18.22 -3.90 -6.35
CA TYR B 137 -19.21 -3.39 -7.30
C TYR B 137 -18.49 -2.80 -8.53
N ARG B 138 -17.44 -2.01 -8.30
CA ARG B 138 -16.68 -1.42 -9.40
C ARG B 138 -16.10 -2.51 -10.27
N LEU B 139 -15.72 -3.63 -9.64
CA LEU B 139 -15.14 -4.74 -10.36
C LEU B 139 -16.20 -5.55 -11.13
N GLY B 140 -17.47 -5.22 -10.90
CA GLY B 140 -18.54 -5.93 -11.56
C GLY B 140 -18.81 -7.27 -10.88
N LYS B 141 -18.30 -7.46 -9.66
CA LYS B 141 -18.52 -8.74 -8.98
C LYS B 141 -19.88 -8.81 -8.28
N ILE B 142 -20.38 -7.67 -7.82
CA ILE B 142 -21.68 -7.63 -7.14
C ILE B 142 -22.47 -6.43 -7.66
N SER B 143 -23.77 -6.43 -7.42
CA SER B 143 -24.58 -5.34 -7.93
C SER B 143 -24.47 -4.11 -7.05
N LYS B 144 -24.93 -2.97 -7.55
CA LYS B 144 -24.87 -1.76 -6.71
C LYS B 144 -25.70 -1.91 -5.43
N LEU B 145 -26.89 -2.50 -5.52
CA LEU B 145 -27.72 -2.64 -4.33
C LEU B 145 -27.06 -3.55 -3.30
N ALA B 146 -26.42 -4.63 -3.76
CA ALA B 146 -25.69 -5.49 -2.83
C ALA B 146 -24.55 -4.71 -2.15
N ALA B 147 -24.00 -3.69 -2.84
CA ALA B 147 -22.90 -2.93 -2.24
C ALA B 147 -23.35 -1.77 -1.38
N ALA B 148 -24.63 -1.45 -1.41
CA ALA B 148 -25.07 -0.33 -0.59
C ALA B 148 -25.22 -0.80 0.86
N LEU B 149 -24.86 0.10 1.78
CA LEU B 149 -24.96 -0.18 3.21
C LEU B 149 -25.80 0.90 3.90
N GLU B 150 -25.94 0.78 5.21
CA GLU B 150 -26.68 1.75 6.02
C GLU B 150 -28.16 1.70 5.61
S SO4 C . 11.90 0.06 -17.92
O1 SO4 C . 12.11 -1.39 -17.64
O2 SO4 C . 12.45 0.30 -19.31
O3 SO4 C . 10.49 0.41 -17.86
O4 SO4 C . 12.62 0.83 -16.91
NI NI D . 19.95 -4.21 -1.65
C1 GOL E . 14.52 -0.21 -2.77
O1 GOL E . 15.44 0.90 -2.67
C2 GOL E . 14.73 -0.89 -4.17
O2 GOL E . 14.25 -2.25 -4.06
C3 GOL E . 16.24 -0.97 -4.57
O3 GOL E . 16.88 -1.71 -3.50
C1 GOL F . 19.85 4.28 -3.76
O1 GOL F . 21.25 4.71 -3.62
C2 GOL F . 19.71 3.02 -2.89
O2 GOL F . 20.60 2.04 -3.41
C3 GOL F . 18.30 2.43 -3.05
O3 GOL F . 18.28 1.38 -2.05
C1 GOL G . -2.02 12.32 -20.14
O1 GOL G . -1.35 13.55 -20.53
C2 GOL G . -0.95 11.40 -19.49
O2 GOL G . 0.36 12.05 -19.62
C3 GOL G . -0.90 10.02 -20.22
O3 GOL G . -2.18 9.37 -20.00
C ACY H . 19.50 -7.41 -11.14
O ACY H . 18.90 -8.51 -10.65
OXT ACY H . 18.97 -6.25 -11.51
CH3 ACY H . 21.00 -7.57 -11.22
S SO4 I . -16.83 1.36 12.21
O1 SO4 I . -16.90 -0.12 12.43
O2 SO4 I . -16.34 1.63 10.83
O3 SO4 I . -18.17 1.95 12.43
O4 SO4 I . -15.86 1.96 13.17
NI NI J . -1.05 -7.56 18.25
C1 GOL K . -3.93 -6.06 14.96
O1 GOL K . -3.43 -6.77 13.77
C2 GOL K . -5.27 -5.38 14.65
O2 GOL K . -6.30 -6.40 14.61
C3 GOL K . -5.22 -4.61 13.28
O3 GOL K . -4.41 -3.46 13.61
C1 GOL L . 4.30 0.26 17.06
O1 GOL L . 3.72 0.92 18.12
C2 GOL L . 4.39 -1.19 17.53
O2 GOL L . 5.52 -1.70 16.80
C3 GOL L . 3.11 -1.91 17.03
O3 GOL L . 3.27 -3.32 17.30
C1 GOL M . -21.64 -16.84 2.74
O1 GOL M . -22.68 -17.54 1.96
C2 GOL M . -20.38 -17.76 2.65
O2 GOL M . -20.11 -18.06 1.27
C3 GOL M . -20.65 -19.09 3.42
O3 GOL M . -19.55 -19.99 3.03
C ACY N . -9.86 -2.05 10.75
O ACY N . -8.60 -2.40 10.81
OXT ACY N . -10.91 -2.78 10.88
CH3 ACY N . -10.01 -0.60 10.47
#